data_4JN7
#
_entry.id   4JN7
#
_cell.length_a   131.008
_cell.length_b   131.008
_cell.length_c   102.232
_cell.angle_alpha   90.00
_cell.angle_beta   90.00
_cell.angle_gamma   90.00
#
_symmetry.space_group_name_H-M   'I 4 2 2'
#
loop_
_entity.id
_entity.type
_entity.pdbx_description
1 polymer ENOLASE
2 non-polymer 'SODIUM ION'
3 non-polymer '(2S)-2-hydroxybutanedioic acid'
4 non-polymer 'PHOSPHATE ION'
5 non-polymer 1,2-ETHANEDIOL
6 non-polymer 'CHLORIDE ION'
7 water water
#
_entity_poly.entity_id   1
_entity_poly.type   'polypeptide(L)'
_entity_poly.pdbx_seq_one_letter_code
;MKIDRMRVFMTRDKDRPRVIVALDTDDGLTGWGECYNHGPDKALPPILDYLYGFLSGQDPTRIDYLVNLLIQQSRFPPGA
LGLSAISALDHCLWDLSAKAANVPVYKLLGGAVRDRVKVYAGVYTAPDAPAARDEFDRLNAEWGFTAFKLSPWRVDIHAH
RWGNVVKASADYFRSLRETVRDDYEIAFDAHAQIFEPVAARQLGNALAPYDPLFYEEPLRPENIDMWGDLKQGLNCVLAT
GESLYNRNEFLRLLQVKGADLIQPDICVVGGISEMRRIATLAEAYFVGVAPHNPMGPLATAVNVHFSAATQNFRILEYRL
PKGQAYVYGGKDIEKRQGETRYVVDPYLPKDGYLELRPDRPGWGVEMDEKAMEEEGYIHWQRRVPKRPDGSYAFA
;
_entity_poly.pdbx_strand_id   A
#
loop_
_chem_comp.id
_chem_comp.type
_chem_comp.name
_chem_comp.formula
CL non-polymer 'CHLORIDE ION' 'Cl -1'
EDO non-polymer 1,2-ETHANEDIOL 'C2 H6 O2'
LMR non-polymer '(2S)-2-hydroxybutanedioic acid' 'C4 H6 O5'
NA non-polymer 'SODIUM ION' 'Na 1'
PO4 non-polymer 'PHOSPHATE ION' 'O4 P -3'
#
# COMPACT_ATOMS: atom_id res chain seq x y z
N MET A 1 -25.92 -16.12 10.52
CA MET A 1 -24.88 -17.18 10.43
C MET A 1 -23.80 -16.90 11.47
N LYS A 2 -22.97 -17.90 11.72
CA LYS A 2 -21.90 -17.80 12.70
C LYS A 2 -20.58 -18.24 12.09
N ILE A 3 -19.53 -17.52 12.45
CA ILE A 3 -18.18 -17.92 12.10
C ILE A 3 -17.88 -19.26 12.76
N ASP A 4 -17.39 -20.23 12.00
CA ASP A 4 -17.12 -21.54 12.58
C ASP A 4 -15.79 -22.18 12.19
N ARG A 5 -14.97 -21.51 11.39
CA ARG A 5 -13.63 -22.00 11.12
C ARG A 5 -12.76 -20.87 10.60
N MET A 6 -11.46 -20.96 10.88
CA MET A 6 -10.46 -20.12 10.25
C MET A 6 -9.43 -21.02 9.58
N ARG A 7 -9.03 -20.67 8.38
CA ARG A 7 -7.96 -21.37 7.67
C ARG A 7 -6.89 -20.34 7.32
N VAL A 8 -5.64 -20.66 7.62
CA VAL A 8 -4.53 -19.74 7.43
C VAL A 8 -3.57 -20.38 6.45
N PHE A 9 -3.22 -19.65 5.40
CA PHE A 9 -2.35 -20.14 4.35
C PHE A 9 -1.06 -19.34 4.36
N MET A 10 0.08 -20.01 4.52
CA MET A 10 1.36 -19.37 4.39
C MET A 10 1.82 -19.59 2.96
N THR A 11 1.81 -18.52 2.18
CA THR A 11 2.19 -18.62 0.79
C THR A 11 3.18 -17.49 0.47
N ARG A 12 3.23 -17.05 -0.78
CA ARG A 12 4.17 -16.01 -1.15
C ARG A 12 3.66 -15.16 -2.30
N ASP A 13 4.26 -13.98 -2.43
CA ASP A 13 3.97 -13.02 -3.47
C ASP A 13 5.32 -12.69 -4.06
N LYS A 14 5.70 -13.49 -5.05
CA LYS A 14 7.04 -13.44 -5.65
C LYS A 14 8.11 -13.73 -4.59
N ASP A 15 8.93 -12.75 -4.24
CA ASP A 15 10.01 -12.96 -3.27
C ASP A 15 9.68 -12.58 -1.83
N ARG A 16 8.44 -12.22 -1.56
CA ARG A 16 8.02 -11.90 -0.20
C ARG A 16 6.99 -12.90 0.26
N PRO A 17 7.08 -13.37 1.52
CA PRO A 17 6.04 -14.27 2.01
C PRO A 17 4.71 -13.54 2.16
N ARG A 18 3.62 -14.29 2.22
CA ARG A 18 2.30 -13.71 2.35
C ARG A 18 1.36 -14.66 3.06
N VAL A 19 0.76 -14.16 4.13
CA VAL A 19 -0.24 -14.91 4.88
C VAL A 19 -1.63 -14.48 4.43
N ILE A 20 -2.39 -15.48 3.98
CA ILE A 20 -3.74 -15.31 3.48
C ILE A 20 -4.68 -16.03 4.43
N VAL A 21 -5.80 -15.40 4.78
CA VAL A 21 -6.70 -15.90 5.80
C VAL A 21 -8.10 -16.09 5.25
N ALA A 22 -8.72 -17.21 5.59
CA ALA A 22 -10.13 -17.45 5.30
C ALA A 22 -10.90 -17.60 6.61
N LEU A 23 -12.07 -16.98 6.68
CA LEU A 23 -13.05 -17.25 7.74
C LEU A 23 -14.27 -17.90 7.11
N ASP A 24 -14.65 -19.06 7.64
CA ASP A 24 -15.80 -19.80 7.12
C ASP A 24 -16.97 -19.68 8.10
N THR A 25 -18.19 -19.76 7.56
CA THR A 25 -19.38 -19.74 8.40
C THR A 25 -20.19 -21.03 8.29
N ASP A 26 -21.12 -21.18 9.22
CA ASP A 26 -21.97 -22.36 9.28
C ASP A 26 -23.05 -22.38 8.21
N ASP A 27 -23.13 -21.36 7.35
N ASP A 27 -23.09 -21.34 7.37
CA ASP A 27 -24.02 -21.45 6.20
CA ASP A 27 -23.99 -21.30 6.22
C ASP A 27 -23.20 -21.48 4.91
C ASP A 27 -23.26 -21.68 4.93
N GLY A 28 -21.96 -21.92 5.03
CA GLY A 28 -21.16 -22.31 3.87
C GLY A 28 -20.49 -21.17 3.12
N LEU A 29 -20.39 -19.99 3.72
CA LEU A 29 -19.70 -18.87 3.09
C LEU A 29 -18.26 -18.80 3.59
N THR A 30 -17.41 -18.15 2.80
CA THR A 30 -16.03 -17.91 3.18
C THR A 30 -15.65 -16.48 2.82
N GLY A 31 -15.00 -15.79 3.74
CA GLY A 31 -14.40 -14.50 3.45
C GLY A 31 -12.89 -14.57 3.54
N TRP A 32 -12.23 -13.73 2.75
CA TRP A 32 -10.78 -13.80 2.56
C TRP A 32 -10.09 -12.48 2.90
N GLY A 33 -8.87 -12.57 3.42
CA GLY A 33 -8.07 -11.41 3.74
C GLY A 33 -6.59 -11.63 3.56
N GLU A 34 -5.84 -10.53 3.43
CA GLU A 34 -4.41 -10.56 3.19
C GLU A 34 -3.67 -9.74 4.25
N CYS A 35 -2.71 -10.38 4.91
CA CYS A 35 -1.83 -9.72 5.88
C CYS A 35 -0.71 -8.97 5.20
N TYR A 36 -0.34 -7.79 5.71
CA TYR A 36 0.90 -7.17 5.26
C TYR A 36 2.08 -8.08 5.59
N ASN A 37 3.13 -8.03 4.77
CA ASN A 37 4.39 -8.72 5.04
C ASN A 37 5.39 -7.79 5.73
N HIS A 38 5.32 -7.73 7.05
CA HIS A 38 6.28 -6.96 7.84
C HIS A 38 7.66 -7.61 7.87
N GLY A 39 7.72 -8.92 7.90
CA GLY A 39 9.01 -9.59 7.88
C GLY A 39 8.90 -10.99 8.46
N PRO A 40 8.79 -11.08 9.78
CA PRO A 40 8.71 -12.38 10.47
C PRO A 40 7.32 -12.99 10.37
N ASP A 41 6.91 -13.35 9.18
CA ASP A 41 5.52 -13.70 8.97
C ASP A 41 5.10 -15.03 9.60
N LYS A 42 6.06 -15.86 10.02
CA LYS A 42 5.71 -17.02 10.82
C LYS A 42 5.08 -16.62 12.17
N ALA A 43 5.17 -15.37 12.56
CA ALA A 43 4.50 -14.90 13.77
C ALA A 43 3.00 -14.72 13.54
N LEU A 44 2.56 -14.58 12.29
CA LEU A 44 1.17 -14.26 12.04
C LEU A 44 0.19 -15.40 12.39
N PRO A 45 0.49 -16.65 12.01
CA PRO A 45 -0.47 -17.70 12.37
C PRO A 45 -0.77 -17.79 13.88
N PRO A 46 0.26 -17.73 14.77
CA PRO A 46 -0.13 -17.77 16.19
C PRO A 46 -0.91 -16.53 16.66
N ILE A 47 -0.66 -15.37 16.08
CA ILE A 47 -1.46 -14.20 16.40
C ILE A 47 -2.90 -14.45 15.97
N LEU A 48 -3.07 -14.92 14.74
CA LEU A 48 -4.40 -15.22 14.21
C LEU A 48 -5.13 -16.25 15.06
N ASP A 49 -4.43 -17.29 15.49
CA ASP A 49 -5.04 -18.31 16.34
C ASP A 49 -5.62 -17.69 17.60
N TYR A 50 -4.88 -16.77 18.22
CA TYR A 50 -5.31 -16.10 19.44
C TYR A 50 -6.51 -15.19 19.16
N LEU A 51 -6.42 -14.40 18.10
CA LEU A 51 -7.52 -13.50 17.77
C LEU A 51 -8.80 -14.25 17.42
N TYR A 52 -8.65 -15.42 16.79
CA TYR A 52 -9.81 -16.19 16.38
C TYR A 52 -10.68 -16.59 17.57
N GLY A 53 -10.07 -16.76 18.74
CA GLY A 53 -10.83 -17.06 19.95
C GLY A 53 -11.95 -16.05 20.21
N PHE A 54 -11.77 -14.82 19.75
CA PHE A 54 -12.76 -13.77 19.95
C PHE A 54 -13.79 -13.69 18.83
N LEU A 55 -13.56 -14.44 17.74
CA LEU A 55 -14.44 -14.43 16.58
C LEU A 55 -15.32 -15.67 16.48
N SER A 56 -14.82 -16.79 16.99
N SER A 56 -14.84 -16.78 17.03
CA SER A 56 -15.54 -18.06 16.85
CA SER A 56 -15.54 -18.05 16.96
C SER A 56 -16.94 -17.94 17.41
C SER A 56 -16.98 -17.89 17.43
N GLY A 57 -17.91 -18.39 16.63
CA GLY A 57 -19.31 -18.37 17.01
C GLY A 57 -20.02 -17.03 16.86
N GLN A 58 -19.32 -16.02 16.36
CA GLN A 58 -19.89 -14.68 16.27
C GLN A 58 -20.54 -14.42 14.91
N ASP A 59 -21.37 -13.40 14.87
CA ASP A 59 -22.07 -12.96 13.66
C ASP A 59 -21.12 -12.08 12.85
N PRO A 60 -20.65 -12.57 11.70
CA PRO A 60 -19.65 -11.80 10.96
C PRO A 60 -20.16 -10.49 10.36
N THR A 61 -21.47 -10.30 10.34
CA THR A 61 -22.03 -9.05 9.83
C THR A 61 -21.93 -7.91 10.84
N ARG A 62 -21.47 -8.21 12.05
CA ARG A 62 -21.16 -7.18 13.05
C ARG A 62 -19.69 -6.81 12.92
N ILE A 63 -19.34 -6.20 11.79
CA ILE A 63 -17.94 -6.06 11.41
C ILE A 63 -17.19 -5.19 12.41
N ASP A 64 -17.62 -3.94 12.59
CA ASP A 64 -16.88 -3.05 13.48
C ASP A 64 -16.91 -3.52 14.93
N TYR A 65 -18.02 -4.16 15.31
CA TYR A 65 -18.15 -4.72 16.65
C TYR A 65 -17.01 -5.69 16.93
N LEU A 66 -16.77 -6.58 15.96
CA LEU A 66 -15.75 -7.63 16.14
C LEU A 66 -14.33 -7.07 15.96
N VAL A 67 -14.12 -6.20 14.99
CA VAL A 67 -12.79 -5.66 14.79
C VAL A 67 -12.39 -4.83 16.01
N ASN A 68 -13.29 -4.01 16.52
CA ASN A 68 -12.99 -3.25 17.72
C ASN A 68 -12.74 -4.17 18.91
N LEU A 69 -13.45 -5.29 19.02
CA LEU A 69 -13.16 -6.24 20.08
C LEU A 69 -11.71 -6.72 19.97
N LEU A 70 -11.26 -7.03 18.77
CA LEU A 70 -9.86 -7.44 18.59
C LEU A 70 -8.90 -6.36 19.04
N ILE A 71 -9.18 -5.11 18.71
CA ILE A 71 -8.37 -3.99 19.15
C ILE A 71 -8.37 -3.88 20.67
N GLN A 72 -9.55 -3.97 21.28
CA GLN A 72 -9.63 -3.76 22.72
C GLN A 72 -9.03 -4.92 23.54
N GLN A 73 -9.14 -6.15 23.03
N GLN A 73 -9.11 -6.14 23.04
CA GLN A 73 -8.52 -7.29 23.70
CA GLN A 73 -8.52 -7.23 23.79
C GLN A 73 -7.02 -7.03 23.78
C GLN A 73 -6.99 -7.17 23.71
N SER A 74 -6.47 -6.41 22.74
CA SER A 74 -5.05 -6.14 22.64
C SER A 74 -4.66 -5.05 23.66
N ARG A 75 -5.53 -4.04 23.77
CA ARG A 75 -5.46 -2.93 24.74
C ARG A 75 -4.34 -1.96 24.41
N PHE A 76 -3.11 -2.47 24.34
CA PHE A 76 -1.99 -1.69 23.82
C PHE A 76 -2.26 -1.47 22.34
N PRO A 77 -1.94 -0.29 21.81
CA PRO A 77 -2.06 -0.14 20.35
C PRO A 77 -1.19 -1.21 19.64
N PRO A 78 -1.76 -2.02 18.73
CA PRO A 78 -0.95 -3.18 18.30
C PRO A 78 0.28 -2.90 17.41
N GLY A 79 0.26 -1.86 16.58
CA GLY A 79 1.35 -1.71 15.64
C GLY A 79 1.49 -2.93 14.72
N ALA A 80 2.70 -3.15 14.24
CA ALA A 80 2.90 -3.85 12.99
C ALA A 80 2.25 -5.23 12.93
N LEU A 81 2.74 -6.19 13.69
CA LEU A 81 2.31 -7.57 13.47
C LEU A 81 0.86 -7.77 13.88
N GLY A 82 0.49 -7.25 15.05
CA GLY A 82 -0.87 -7.39 15.51
C GLY A 82 -1.88 -6.78 14.55
N LEU A 83 -1.61 -5.58 14.07
CA LEU A 83 -2.54 -4.95 13.13
C LEU A 83 -2.57 -5.59 11.75
N SER A 84 -1.47 -6.21 11.33
N SER A 84 -1.48 -6.24 11.34
CA SER A 84 -1.46 -6.93 10.08
CA SER A 84 -1.48 -6.91 10.05
C SER A 84 -2.45 -8.09 10.15
C SER A 84 -2.38 -8.15 10.11
N ALA A 85 -2.41 -8.82 11.25
CA ALA A 85 -3.34 -9.93 11.49
C ALA A 85 -4.78 -9.42 11.58
N ILE A 86 -5.00 -8.35 12.35
CA ILE A 86 -6.32 -7.77 12.45
C ILE A 86 -6.82 -7.31 11.08
N SER A 87 -5.94 -6.73 10.26
CA SER A 87 -6.33 -6.29 8.93
C SER A 87 -6.92 -7.42 8.11
N ALA A 88 -6.25 -8.57 8.07
CA ALA A 88 -6.76 -9.69 7.28
C ALA A 88 -8.12 -10.17 7.80
N LEU A 89 -8.28 -10.18 9.12
CA LEU A 89 -9.55 -10.58 9.71
C LEU A 89 -10.67 -9.60 9.39
N ASP A 90 -10.36 -8.30 9.44
CA ASP A 90 -11.30 -7.28 8.98
C ASP A 90 -11.71 -7.59 7.53
N HIS A 91 -10.74 -7.86 6.65
CA HIS A 91 -11.09 -8.13 5.26
C HIS A 91 -12.08 -9.30 5.19
N CYS A 92 -11.78 -10.36 5.92
CA CYS A 92 -12.63 -11.55 5.91
C CYS A 92 -14.06 -11.22 6.30
N LEU A 93 -14.23 -10.36 7.30
CA LEU A 93 -15.55 -9.98 7.78
C LEU A 93 -16.34 -9.16 6.76
N TRP A 94 -15.71 -8.18 6.11
CA TRP A 94 -16.38 -7.44 5.06
C TRP A 94 -16.80 -8.37 3.93
N ASP A 95 -15.91 -9.28 3.57
CA ASP A 95 -16.17 -10.20 2.46
C ASP A 95 -17.35 -11.11 2.82
N LEU A 96 -17.35 -11.67 4.03
CA LEU A 96 -18.46 -12.51 4.48
C LEU A 96 -19.77 -11.74 4.49
N SER A 97 -19.75 -10.51 4.98
CA SER A 97 -20.96 -9.73 5.12
C SER A 97 -21.53 -9.39 3.74
N ALA A 98 -20.64 -9.06 2.81
CA ALA A 98 -21.06 -8.74 1.45
C ALA A 98 -21.64 -9.97 0.76
N LYS A 99 -20.99 -11.11 0.93
CA LYS A 99 -21.49 -12.36 0.36
C LYS A 99 -22.83 -12.73 0.99
N ALA A 100 -23.01 -12.50 2.28
CA ALA A 100 -24.28 -12.79 2.94
C ALA A 100 -25.40 -11.96 2.36
N ALA A 101 -25.10 -10.71 2.02
CA ALA A 101 -26.09 -9.78 1.46
C ALA A 101 -26.11 -9.83 -0.07
N ASN A 102 -25.27 -10.68 -0.65
CA ASN A 102 -25.15 -10.84 -2.10
C ASN A 102 -24.83 -9.54 -2.84
N VAL A 103 -23.88 -8.76 -2.30
CA VAL A 103 -23.47 -7.52 -2.93
C VAL A 103 -21.94 -7.46 -3.01
N PRO A 104 -21.41 -6.63 -3.94
CA PRO A 104 -19.99 -6.28 -3.88
C PRO A 104 -19.69 -5.56 -2.58
N VAL A 105 -18.49 -5.69 -2.04
CA VAL A 105 -18.16 -5.03 -0.78
C VAL A 105 -18.44 -3.53 -0.81
N TYR A 106 -18.24 -2.84 -1.94
CA TYR A 106 -18.41 -1.39 -1.93
C TYR A 106 -19.86 -1.00 -1.58
N LYS A 107 -20.84 -1.89 -1.77
CA LYS A 107 -22.20 -1.54 -1.38
C LYS A 107 -22.40 -1.49 0.13
N LEU A 108 -21.44 -2.04 0.89
CA LEU A 108 -21.45 -1.97 2.36
C LEU A 108 -20.70 -0.75 2.89
N LEU A 109 -20.13 0.05 1.99
CA LEU A 109 -19.27 1.18 2.32
C LEU A 109 -19.88 2.50 1.84
N GLY A 110 -21.17 2.53 1.60
CA GLY A 110 -21.85 3.71 1.11
C GLY A 110 -22.01 3.74 -0.40
N GLY A 111 -21.60 2.66 -1.08
CA GLY A 111 -21.78 2.54 -2.51
C GLY A 111 -20.60 3.11 -3.30
N ALA A 112 -20.56 2.76 -4.57
CA ALA A 112 -19.51 3.25 -5.46
C ALA A 112 -19.68 4.75 -5.72
N VAL A 113 -18.61 5.52 -5.54
CA VAL A 113 -18.63 6.96 -5.87
C VAL A 113 -17.82 7.26 -7.13
N ARG A 114 -17.30 6.21 -7.75
CA ARG A 114 -16.63 6.30 -9.04
C ARG A 114 -16.85 4.99 -9.77
N ASP A 115 -16.60 5.00 -11.06
CA ASP A 115 -16.90 3.85 -11.91
C ASP A 115 -15.71 2.92 -12.08
N ARG A 116 -14.51 3.44 -11.85
N ARG A 116 -14.52 3.41 -11.82
CA ARG A 116 -13.26 2.73 -12.08
CA ARG A 116 -13.31 2.62 -11.96
C ARG A 116 -12.20 3.34 -11.14
C ARG A 116 -12.23 3.29 -11.10
N VAL A 117 -11.11 2.61 -10.93
CA VAL A 117 -10.12 2.99 -9.91
C VAL A 117 -8.76 3.22 -10.55
N LYS A 118 -8.30 4.46 -10.57
N LYS A 118 -8.31 4.46 -10.56
CA LYS A 118 -7.03 4.78 -11.22
CA LYS A 118 -7.03 4.79 -11.19
C LYS A 118 -5.86 4.17 -10.45
C LYS A 118 -5.87 4.14 -10.44
N VAL A 119 -4.90 3.63 -11.20
CA VAL A 119 -3.70 3.04 -10.63
C VAL A 119 -2.45 3.70 -11.19
N TYR A 120 -1.39 3.67 -10.40
CA TYR A 120 -0.05 3.95 -10.90
C TYR A 120 0.80 2.69 -10.77
N ALA A 121 1.79 2.58 -11.65
CA ALA A 121 2.65 1.41 -11.67
C ALA A 121 3.80 1.60 -10.70
N GLY A 122 3.95 0.65 -9.79
CA GLY A 122 5.09 0.64 -8.89
C GLY A 122 6.33 0.13 -9.59
N VAL A 123 7.21 1.05 -9.99
CA VAL A 123 8.44 0.69 -10.72
C VAL A 123 9.62 0.67 -9.74
N TYR A 124 9.74 1.73 -8.94
CA TYR A 124 10.52 1.75 -7.70
C TYR A 124 12.02 1.94 -7.86
N THR A 125 12.52 1.87 -9.10
CA THR A 125 13.94 2.01 -9.37
C THR A 125 14.18 3.38 -9.98
N ALA A 126 15.42 3.66 -10.37
CA ALA A 126 15.79 4.94 -10.97
C ALA A 126 16.52 4.70 -12.29
N PRO A 127 15.84 4.08 -13.26
CA PRO A 127 16.45 3.77 -14.56
C PRO A 127 16.82 5.01 -15.37
N ASP A 128 17.89 4.96 -16.14
CA ASP A 128 18.20 6.06 -17.06
C ASP A 128 16.98 6.37 -17.92
N ALA A 129 16.86 7.63 -18.32
CA ALA A 129 15.65 8.10 -18.98
C ALA A 129 15.21 7.30 -20.22
N PRO A 130 16.14 6.90 -21.11
CA PRO A 130 15.67 6.11 -22.25
C PRO A 130 15.04 4.77 -21.84
N ALA A 131 15.66 4.09 -20.88
CA ALA A 131 15.12 2.85 -20.35
C ALA A 131 13.80 3.09 -19.61
N ALA A 132 13.69 4.21 -18.89
CA ALA A 132 12.44 4.56 -18.25
C ALA A 132 11.35 4.74 -19.28
N ARG A 133 11.66 5.50 -20.32
CA ARG A 133 10.71 5.72 -21.41
C ARG A 133 10.20 4.41 -21.96
N ASP A 134 11.11 3.49 -22.26
CA ASP A 134 10.73 2.23 -22.87
C ASP A 134 9.84 1.43 -21.94
N GLU A 135 10.17 1.41 -20.66
CA GLU A 135 9.36 0.66 -19.71
C GLU A 135 8.00 1.30 -19.51
N PHE A 136 7.96 2.61 -19.36
CA PHE A 136 6.70 3.31 -19.24
C PHE A 136 5.81 3.04 -20.46
N ASP A 137 6.40 3.11 -21.64
CA ASP A 137 5.63 2.91 -22.87
C ASP A 137 5.11 1.48 -22.97
N ARG A 138 5.89 0.52 -22.51
CA ARG A 138 5.44 -0.87 -22.51
C ARG A 138 4.24 -1.05 -21.57
N LEU A 139 4.37 -0.51 -20.37
CA LEU A 139 3.30 -0.57 -19.39
C LEU A 139 2.06 0.17 -19.87
N ASN A 140 2.27 1.29 -20.56
CA ASN A 140 1.16 2.04 -21.14
C ASN A 140 0.44 1.26 -22.23
N ALA A 141 1.20 0.63 -23.12
CA ALA A 141 0.59 -0.14 -24.20
C ALA A 141 -0.25 -1.30 -23.64
N GLU A 142 0.30 -2.02 -22.67
CA GLU A 142 -0.34 -3.23 -22.19
C GLU A 142 -1.50 -2.99 -21.25
N TRP A 143 -1.34 -2.03 -20.35
CA TRP A 143 -2.29 -1.85 -19.26
C TRP A 143 -2.87 -0.45 -19.20
N GLY A 144 -2.36 0.47 -20.02
CA GLY A 144 -2.89 1.81 -20.08
C GLY A 144 -2.32 2.74 -19.03
N PHE A 145 -1.32 2.31 -18.26
CA PHE A 145 -0.70 3.18 -17.26
C PHE A 145 -0.22 4.48 -17.88
N THR A 146 -0.52 5.58 -17.19
CA THR A 146 0.04 6.88 -17.50
C THR A 146 0.66 7.52 -16.26
N ALA A 147 0.69 6.79 -15.14
CA ALA A 147 1.30 7.26 -13.91
C ALA A 147 2.22 6.17 -13.37
N PHE A 148 3.38 6.59 -12.87
CA PHE A 148 4.47 5.68 -12.51
C PHE A 148 5.16 6.23 -11.29
N LYS A 149 5.70 5.34 -10.46
CA LYS A 149 6.48 5.76 -9.28
C LYS A 149 7.88 5.18 -9.34
N LEU A 150 8.86 6.08 -9.20
CA LEU A 150 10.29 5.80 -9.24
C LEU A 150 10.95 6.13 -7.91
N SER A 151 12.19 5.66 -7.74
CA SER A 151 13.09 6.20 -6.73
C SER A 151 13.77 7.45 -7.27
N PRO A 152 13.98 8.47 -6.43
CA PRO A 152 14.72 9.65 -6.89
C PRO A 152 16.23 9.48 -6.81
N TRP A 153 16.70 8.42 -6.16
CA TRP A 153 18.11 8.37 -5.79
C TRP A 153 18.96 7.81 -6.91
N ARG A 154 19.94 8.58 -7.35
CA ARG A 154 20.78 8.19 -8.47
C ARG A 154 22.20 7.85 -8.01
N VAL A 155 22.50 8.08 -6.72
CA VAL A 155 23.79 7.71 -6.11
C VAL A 155 23.52 7.28 -4.67
N ASP A 156 24.51 6.70 -4.02
CA ASP A 156 24.45 6.39 -2.58
C ASP A 156 24.42 7.72 -1.84
N ILE A 157 23.32 7.99 -1.15
CA ILE A 157 23.11 9.28 -0.53
C ILE A 157 24.07 9.51 0.63
N HIS A 158 24.71 8.48 1.15
CA HIS A 158 25.62 8.65 2.29
C HIS A 158 27.08 8.70 1.87
N ALA A 159 27.38 8.57 0.58
CA ALA A 159 28.76 8.49 0.11
C ALA A 159 29.12 9.61 -0.86
N HIS A 160 28.27 10.62 -0.95
CA HIS A 160 28.53 11.77 -1.82
C HIS A 160 28.07 13.01 -1.12
N ARG A 161 28.63 14.13 -1.54
CA ARG A 161 28.24 15.42 -1.01
C ARG A 161 26.74 15.67 -1.27
N TRP A 162 26.01 16.15 -0.28
CA TRP A 162 24.56 16.27 -0.35
C TRP A 162 24.08 17.12 -1.54
N GLY A 163 24.72 18.25 -1.77
CA GLY A 163 24.34 19.08 -2.92
C GLY A 163 24.43 18.32 -4.23
N ASN A 164 25.41 17.43 -4.35
CA ASN A 164 25.55 16.61 -5.54
C ASN A 164 24.49 15.51 -5.61
N VAL A 165 24.10 14.96 -4.45
CA VAL A 165 23.01 14.00 -4.42
C VAL A 165 21.72 14.64 -4.94
N VAL A 166 21.40 15.82 -4.45
CA VAL A 166 20.17 16.49 -4.82
C VAL A 166 20.22 16.90 -6.30
N LYS A 167 21.36 17.45 -6.74
CA LYS A 167 21.51 17.82 -8.14
C LYS A 167 21.33 16.61 -9.05
N ALA A 168 21.85 15.45 -8.65
CA ALA A 168 21.67 14.26 -9.46
C ALA A 168 20.19 13.91 -9.61
N SER A 169 19.41 14.07 -8.53
CA SER A 169 17.99 13.78 -8.60
C SER A 169 17.27 14.79 -9.49
N ALA A 170 17.61 16.06 -9.36
CA ALA A 170 16.96 17.10 -10.17
C ALA A 170 17.30 16.92 -11.64
N ASP A 171 18.56 16.67 -11.94
CA ASP A 171 18.99 16.43 -13.32
C ASP A 171 18.28 15.21 -13.90
N TYR A 172 18.10 14.20 -13.07
CA TYR A 172 17.41 13.00 -13.48
C TYR A 172 15.96 13.30 -13.87
N PHE A 173 15.25 14.00 -13.00
CA PHE A 173 13.85 14.32 -13.29
C PHE A 173 13.77 15.17 -14.56
N ARG A 174 14.68 16.14 -14.70
CA ARG A 174 14.71 16.94 -15.92
C ARG A 174 14.87 16.04 -17.15
N SER A 175 15.77 15.05 -17.07
N SER A 175 15.80 15.09 -17.07
CA SER A 175 16.03 14.16 -18.21
CA SER A 175 16.04 14.16 -18.17
C SER A 175 14.79 13.31 -18.53
C SER A 175 14.76 13.39 -18.52
N LEU A 176 14.04 12.92 -17.52
CA LEU A 176 12.81 12.19 -17.72
C LEU A 176 11.81 13.08 -18.47
N ARG A 177 11.64 14.32 -18.04
CA ARG A 177 10.72 15.24 -18.73
C ARG A 177 11.14 15.56 -20.16
N GLU A 178 12.44 15.51 -20.44
CA GLU A 178 12.93 15.71 -21.81
C GLU A 178 12.74 14.47 -22.68
N THR A 179 12.39 13.33 -22.09
CA THR A 179 12.47 12.05 -22.79
C THR A 179 11.12 11.32 -22.90
N VAL A 180 10.34 11.31 -21.83
CA VAL A 180 9.10 10.54 -21.81
C VAL A 180 7.89 11.36 -22.22
N ARG A 181 6.76 10.69 -22.45
CA ARG A 181 5.56 11.37 -22.88
C ARG A 181 5.16 12.50 -21.93
N ASP A 182 4.71 13.60 -22.51
N ASP A 182 4.75 13.63 -22.51
CA ASP A 182 4.45 14.81 -21.74
CA ASP A 182 4.42 14.83 -21.75
C ASP A 182 3.27 14.68 -20.75
C ASP A 182 3.33 14.61 -20.70
N ASP A 183 2.38 13.72 -21.02
CA ASP A 183 1.22 13.52 -20.15
C ASP A 183 1.50 12.55 -19.02
N TYR A 184 2.62 11.83 -19.07
CA TYR A 184 2.89 10.88 -18.01
C TYR A 184 3.11 11.58 -16.66
N GLU A 185 2.56 10.98 -15.63
CA GLU A 185 2.75 11.39 -14.25
C GLU A 185 3.84 10.55 -13.62
N ILE A 186 4.72 11.20 -12.89
CA ILE A 186 5.84 10.52 -12.26
C ILE A 186 5.92 10.95 -10.80
N ALA A 187 5.76 9.98 -9.89
CA ALA A 187 5.95 10.19 -8.47
C ALA A 187 7.32 9.67 -8.06
N PHE A 188 7.84 10.20 -6.96
CA PHE A 188 9.12 9.76 -6.40
C PHE A 188 8.95 9.36 -4.96
N ASP A 189 9.40 8.15 -4.65
CA ASP A 189 9.37 7.61 -3.30
C ASP A 189 10.77 7.67 -2.70
N ALA A 190 10.96 8.58 -1.76
CA ALA A 190 12.27 8.77 -1.12
C ALA A 190 12.52 7.76 0.00
N HIS A 191 11.49 6.96 0.32
CA HIS A 191 11.66 5.72 1.08
C HIS A 191 12.21 5.89 2.49
N ALA A 192 11.81 6.99 3.14
CA ALA A 192 12.14 7.27 4.53
C ALA A 192 13.64 7.20 4.78
N GLN A 193 14.40 7.68 3.78
N GLN A 193 14.44 7.73 3.86
CA GLN A 193 15.87 7.65 3.76
CA GLN A 193 15.88 7.60 4.01
C GLN A 193 16.52 8.85 4.44
C GLN A 193 16.58 8.93 4.32
N ILE A 194 15.79 9.97 4.53
CA ILE A 194 16.35 11.28 4.92
C ILE A 194 16.08 11.51 6.39
N PHE A 195 17.09 11.90 7.14
CA PHE A 195 16.94 12.15 8.58
C PHE A 195 16.36 13.54 8.88
N GLU A 196 16.85 14.57 8.18
CA GLU A 196 16.62 15.97 8.55
C GLU A 196 15.49 16.60 7.74
N PRO A 197 14.51 17.21 8.41
CA PRO A 197 13.49 17.94 7.67
C PRO A 197 14.05 18.91 6.61
N VAL A 198 15.10 19.67 6.94
CA VAL A 198 15.61 20.64 5.96
C VAL A 198 16.10 19.95 4.69
N ALA A 199 16.76 18.79 4.84
CA ALA A 199 17.27 18.06 3.68
C ALA A 199 16.11 17.55 2.84
N ALA A 200 15.06 17.05 3.48
CA ALA A 200 13.90 16.59 2.73
C ALA A 200 13.26 17.74 1.97
N ARG A 201 13.26 18.93 2.56
CA ARG A 201 12.67 20.09 1.91
C ARG A 201 13.51 20.48 0.69
N GLN A 202 14.83 20.47 0.85
CA GLN A 202 15.73 20.80 -0.27
C GLN A 202 15.50 19.85 -1.45
N LEU A 203 15.41 18.55 -1.19
CA LEU A 203 15.18 17.61 -2.28
C LEU A 203 13.82 17.84 -2.94
N GLY A 204 12.78 18.00 -2.13
CA GLY A 204 11.45 18.23 -2.69
C GLY A 204 11.41 19.47 -3.55
N ASN A 205 12.05 20.54 -3.11
CA ASN A 205 12.03 21.77 -3.87
C ASN A 205 12.88 21.68 -5.12
N ALA A 206 13.87 20.79 -5.15
CA ALA A 206 14.65 20.56 -6.37
C ALA A 206 13.85 19.76 -7.39
N LEU A 207 12.98 18.87 -6.93
CA LEU A 207 12.11 18.10 -7.82
C LEU A 207 10.91 18.92 -8.31
N ALA A 208 10.47 19.86 -7.49
CA ALA A 208 9.20 20.54 -7.70
C ALA A 208 8.99 21.17 -9.09
N PRO A 209 10.02 21.79 -9.69
CA PRO A 209 9.77 22.44 -10.99
C PRO A 209 9.34 21.47 -12.08
N TYR A 210 9.58 20.17 -11.92
CA TYR A 210 9.24 19.18 -12.93
C TYR A 210 7.94 18.45 -12.62
N ASP A 211 7.20 18.92 -11.61
CA ASP A 211 5.86 18.41 -11.32
C ASP A 211 5.83 16.95 -10.91
N PRO A 212 6.44 16.61 -9.78
CA PRO A 212 6.23 15.25 -9.28
C PRO A 212 4.76 15.04 -8.94
N LEU A 213 4.20 13.91 -9.30
CA LEU A 213 2.82 13.61 -8.96
C LEU A 213 2.65 13.70 -7.43
N PHE A 214 3.61 13.13 -6.72
CA PHE A 214 3.79 13.37 -5.30
C PHE A 214 5.21 12.98 -4.97
N TYR A 215 5.65 13.47 -3.81
CA TYR A 215 6.96 13.22 -3.22
C TYR A 215 6.66 12.44 -1.96
N GLU A 216 6.99 11.14 -1.97
CA GLU A 216 6.54 10.20 -0.95
C GLU A 216 7.57 9.89 0.11
N GLU A 217 7.07 9.94 1.35
CA GLU A 217 7.74 9.46 2.56
C GLU A 217 9.22 9.80 2.66
N PRO A 218 9.60 11.08 2.60
CA PRO A 218 11.04 11.35 2.67
C PRO A 218 11.69 11.10 4.03
N LEU A 219 10.97 11.40 5.12
CA LEU A 219 11.49 11.30 6.47
C LEU A 219 11.02 10.01 7.16
N ARG A 220 11.55 9.77 8.35
CA ARG A 220 11.12 8.68 9.21
C ARG A 220 9.76 9.01 9.85
N PRO A 221 9.08 7.98 10.35
CA PRO A 221 7.68 8.16 10.74
C PRO A 221 7.44 8.57 12.20
N GLU A 222 8.41 8.34 13.09
CA GLU A 222 8.12 8.37 14.53
C GLU A 222 7.78 9.76 15.05
N ASN A 223 8.48 10.79 14.56
CA ASN A 223 8.16 12.15 14.92
C ASN A 223 7.18 12.67 13.87
N ILE A 224 5.92 12.81 14.24
CA ILE A 224 4.90 13.25 13.31
C ILE A 224 4.97 14.76 13.11
N ASP A 225 5.26 15.48 14.18
N ASP A 225 5.24 15.48 14.19
CA ASP A 225 5.24 16.94 14.15
CA ASP A 225 5.22 16.94 14.15
C ASP A 225 6.24 17.54 13.16
C ASP A 225 6.22 17.54 13.17
N MET A 226 7.38 16.90 13.00
CA MET A 226 8.41 17.42 12.11
C MET A 226 7.92 17.45 10.66
N TRP A 227 6.92 16.64 10.34
CA TRP A 227 6.35 16.65 9.00
C TRP A 227 5.68 18.00 8.68
N GLY A 228 5.06 18.61 9.67
CA GLY A 228 4.52 19.95 9.49
C GLY A 228 5.61 20.97 9.23
N ASP A 229 6.77 20.82 9.86
CA ASP A 229 7.91 21.70 9.62
C ASP A 229 8.44 21.50 8.21
N LEU A 230 8.64 20.25 7.79
CA LEU A 230 9.05 19.97 6.42
C LEU A 230 8.17 20.66 5.41
N LYS A 231 6.84 20.53 5.58
CA LYS A 231 5.92 20.98 4.53
C LYS A 231 5.84 22.50 4.42
N GLN A 232 6.20 23.22 5.48
CA GLN A 232 6.26 24.67 5.42
C GLN A 232 7.39 25.08 4.49
N GLY A 233 7.04 25.74 3.39
CA GLY A 233 8.01 26.15 2.40
C GLY A 233 8.32 25.08 1.38
N LEU A 234 7.55 24.00 1.36
CA LEU A 234 7.71 22.95 0.35
C LEU A 234 6.81 23.24 -0.85
N ASN A 235 7.40 23.20 -2.05
CA ASN A 235 6.71 23.61 -3.26
C ASN A 235 6.07 22.50 -4.08
N CYS A 236 6.25 21.26 -3.68
CA CYS A 236 5.63 20.11 -4.34
C CYS A 236 4.67 19.42 -3.41
N VAL A 237 3.83 18.58 -4.00
CA VAL A 237 2.90 17.74 -3.25
C VAL A 237 3.64 16.72 -2.40
N LEU A 238 3.35 16.71 -1.10
CA LEU A 238 3.99 15.80 -0.14
C LEU A 238 3.02 14.69 0.23
N ALA A 239 3.47 13.44 0.14
CA ALA A 239 2.65 12.29 0.53
C ALA A 239 3.39 11.47 1.57
N THR A 240 2.65 10.97 2.55
CA THR A 240 3.23 10.01 3.47
C THR A 240 2.11 9.24 4.15
N GLY A 241 2.48 8.23 4.92
CA GLY A 241 1.55 7.59 5.84
C GLY A 241 1.57 6.08 5.86
N GLU A 242 2.31 5.44 4.96
CA GLU A 242 2.31 3.98 4.95
C GLU A 242 2.74 3.39 6.27
N SER A 243 3.55 4.14 7.03
CA SER A 243 4.13 3.66 8.28
C SER A 243 3.34 4.10 9.51
N LEU A 244 2.17 4.70 9.29
CA LEU A 244 1.27 5.10 10.37
C LEU A 244 0.09 4.13 10.45
N TYR A 245 -0.42 3.92 11.66
CA TYR A 245 -1.28 2.78 11.95
C TYR A 245 -2.75 3.06 12.15
N ASN A 246 -3.13 4.24 12.62
CA ASN A 246 -4.49 4.40 13.11
C ASN A 246 -5.01 5.82 12.98
N ARG A 247 -6.29 5.96 13.28
CA ARG A 247 -6.98 7.24 13.15
C ARG A 247 -6.24 8.36 13.88
N ASN A 248 -5.61 8.06 15.00
CA ASN A 248 -4.99 9.11 15.81
C ASN A 248 -3.62 9.54 15.32
N GLU A 249 -2.83 8.62 14.78
CA GLU A 249 -1.56 8.99 14.18
C GLU A 249 -1.83 9.85 12.93
N PHE A 250 -2.82 9.45 12.14
CA PHE A 250 -3.21 10.27 11.00
C PHE A 250 -3.82 11.59 11.42
N LEU A 251 -4.63 11.62 12.49
CA LEU A 251 -5.16 12.90 12.95
C LEU A 251 -4.01 13.85 13.27
N ARG A 252 -2.97 13.41 13.95
N ARG A 252 -2.98 13.36 13.96
CA ARG A 252 -1.90 14.34 14.27
CA ARG A 252 -1.83 14.18 14.31
C ARG A 252 -1.20 14.80 12.99
C ARG A 252 -1.12 14.74 13.07
N LEU A 253 -0.94 13.89 12.07
CA LEU A 253 -0.31 14.30 10.81
C LEU A 253 -1.12 15.40 10.13
N LEU A 254 -2.44 15.24 10.11
CA LEU A 254 -3.32 16.22 9.49
C LEU A 254 -3.32 17.53 10.28
N GLN A 255 -3.34 17.45 11.61
CA GLN A 255 -3.38 18.64 12.44
C GLN A 255 -2.18 19.54 12.23
N VAL A 256 -1.01 18.93 12.04
CA VAL A 256 0.22 19.70 11.84
C VAL A 256 0.45 20.07 10.37
N LYS A 257 -0.47 19.72 9.49
CA LYS A 257 -0.31 20.00 8.06
C LYS A 257 0.97 19.34 7.56
N GLY A 258 1.07 18.06 7.87
CA GLY A 258 2.25 17.28 7.56
C GLY A 258 2.25 16.53 6.25
N ALA A 259 1.17 16.61 5.50
CA ALA A 259 1.07 15.94 4.20
C ALA A 259 -0.04 16.58 3.40
N ASP A 260 0.08 16.55 2.08
CA ASP A 260 -0.98 16.94 1.17
C ASP A 260 -1.84 15.75 0.73
N LEU A 261 -1.27 14.55 0.82
CA LEU A 261 -1.87 13.30 0.37
C LEU A 261 -1.44 12.25 1.38
N ILE A 262 -2.35 11.41 1.86
CA ILE A 262 -1.97 10.36 2.81
C ILE A 262 -2.05 8.99 2.16
N GLN A 263 -1.21 8.09 2.67
CA GLN A 263 -0.96 6.78 2.07
C GLN A 263 -1.05 5.63 3.07
N PRO A 264 -2.16 5.55 3.84
CA PRO A 264 -2.34 4.36 4.68
C PRO A 264 -2.38 3.09 3.82
N ASP A 265 -2.02 1.97 4.43
CA ASP A 265 -2.10 0.66 3.79
C ASP A 265 -3.17 -0.15 4.47
N ILE A 266 -4.10 -0.66 3.66
CA ILE A 266 -5.27 -1.38 4.14
C ILE A 266 -4.93 -2.74 4.78
N CYS A 267 -3.70 -3.21 4.58
CA CYS A 267 -3.19 -4.41 5.23
C CYS A 267 -2.37 -4.12 6.49
N VAL A 268 -2.17 -2.84 6.79
CA VAL A 268 -1.35 -2.38 7.90
C VAL A 268 -2.17 -1.75 9.03
N VAL A 269 -3.20 -0.98 8.69
CA VAL A 269 -3.90 -0.13 9.65
C VAL A 269 -5.04 -0.84 10.38
N GLY A 270 -5.33 -2.09 10.01
CA GLY A 270 -6.47 -2.78 10.58
C GLY A 270 -7.64 -2.91 9.61
N GLY A 271 -7.35 -2.86 8.32
CA GLY A 271 -8.35 -3.10 7.31
C GLY A 271 -9.27 -1.92 7.07
N ILE A 272 -10.41 -2.22 6.43
CA ILE A 272 -11.32 -1.17 6.01
C ILE A 272 -11.89 -0.40 7.20
N SER A 273 -12.10 -1.10 8.31
N SER A 273 -12.14 -1.08 8.31
CA SER A 273 -12.64 -0.52 9.53
CA SER A 273 -12.70 -0.41 9.46
C SER A 273 -11.87 0.73 9.96
C SER A 273 -11.87 0.81 9.84
N GLU A 274 -10.55 0.65 9.85
CA GLU A 274 -9.69 1.78 10.22
C GLU A 274 -9.42 2.69 9.02
N MET A 275 -9.24 2.10 7.84
CA MET A 275 -8.97 2.87 6.64
C MET A 275 -10.03 3.92 6.41
N ARG A 276 -11.29 3.56 6.61
CA ARG A 276 -12.39 4.50 6.38
C ARG A 276 -12.36 5.64 7.40
N ARG A 277 -12.03 5.33 8.65
CA ARG A 277 -11.89 6.39 9.64
C ARG A 277 -10.80 7.38 9.24
N ILE A 278 -9.65 6.84 8.87
CA ILE A 278 -8.51 7.64 8.44
C ILE A 278 -8.88 8.51 7.23
N ALA A 279 -9.55 7.95 6.24
CA ALA A 279 -9.90 8.70 5.05
C ALA A 279 -10.91 9.79 5.34
N THR A 280 -11.84 9.54 6.26
CA THR A 280 -12.83 10.54 6.65
C THR A 280 -12.15 11.72 7.33
N LEU A 281 -11.19 11.46 8.20
CA LEU A 281 -10.41 12.53 8.81
C LEU A 281 -9.72 13.36 7.73
N ALA A 282 -9.03 12.68 6.84
CA ALA A 282 -8.31 13.40 5.78
C ALA A 282 -9.28 14.25 4.94
N GLU A 283 -10.46 13.71 4.63
CA GLU A 283 -11.42 14.42 3.81
C GLU A 283 -11.81 15.76 4.42
N ALA A 284 -12.05 15.80 5.73
CA ALA A 284 -12.43 17.03 6.41
C ALA A 284 -11.30 18.05 6.42
N TYR A 285 -10.07 17.55 6.39
CA TYR A 285 -8.86 18.39 6.29
C TYR A 285 -8.46 18.70 4.84
N PHE A 286 -9.28 18.29 3.87
CA PHE A 286 -9.00 18.54 2.44
C PHE A 286 -7.67 17.93 1.98
N VAL A 287 -7.49 16.70 2.41
CA VAL A 287 -6.36 15.86 2.07
C VAL A 287 -6.85 14.59 1.37
N GLY A 288 -6.24 14.28 0.22
CA GLY A 288 -6.58 13.09 -0.53
C GLY A 288 -5.93 11.83 -0.01
N VAL A 289 -6.36 10.70 -0.56
CA VAL A 289 -5.87 9.39 -0.16
C VAL A 289 -5.32 8.64 -1.38
N ALA A 290 -4.06 8.21 -1.28
CA ALA A 290 -3.41 7.37 -2.27
C ALA A 290 -2.93 6.14 -1.53
N PRO A 291 -3.78 5.12 -1.41
CA PRO A 291 -3.43 3.96 -0.58
C PRO A 291 -2.09 3.34 -0.93
N HIS A 292 -1.32 3.00 0.09
CA HIS A 292 -0.08 2.24 -0.06
C HIS A 292 -0.42 0.80 -0.38
N ASN A 293 0.18 0.26 -1.43
CA ASN A 293 -0.14 -1.10 -1.83
C ASN A 293 0.93 -1.80 -2.66
N PRO A 294 2.06 -2.15 -2.03
CA PRO A 294 3.06 -3.04 -2.65
C PRO A 294 2.73 -4.52 -2.39
N MET A 295 1.51 -4.79 -1.90
CA MET A 295 1.09 -6.13 -1.55
C MET A 295 0.45 -6.81 -2.79
N GLY A 296 -0.22 -7.93 -2.58
CA GLY A 296 -0.58 -8.82 -3.66
C GLY A 296 -1.99 -8.64 -4.18
N PRO A 297 -2.46 -9.62 -4.97
CA PRO A 297 -3.75 -9.41 -5.67
C PRO A 297 -4.99 -9.41 -4.77
N LEU A 298 -4.95 -10.09 -3.63
CA LEU A 298 -6.10 -10.04 -2.73
C LEU A 298 -6.15 -8.66 -2.06
N ALA A 299 -5.02 -8.22 -1.52
CA ALA A 299 -4.91 -6.85 -1.04
C ALA A 299 -5.37 -5.84 -2.10
N THR A 300 -5.00 -6.06 -3.35
CA THR A 300 -5.42 -5.15 -4.40
C THR A 300 -6.95 -5.13 -4.52
N ALA A 301 -7.57 -6.30 -4.47
CA ALA A 301 -9.03 -6.38 -4.52
C ALA A 301 -9.69 -5.63 -3.35
N VAL A 302 -9.14 -5.75 -2.15
CA VAL A 302 -9.67 -5.04 -0.98
C VAL A 302 -9.58 -3.55 -1.28
N ASN A 303 -8.43 -3.11 -1.76
CA ASN A 303 -8.23 -1.71 -2.14
C ASN A 303 -9.22 -1.24 -3.21
N VAL A 304 -9.57 -2.10 -4.17
CA VAL A 304 -10.51 -1.69 -5.20
C VAL A 304 -11.82 -1.24 -4.55
N HIS A 305 -12.33 -2.02 -3.60
CA HIS A 305 -13.62 -1.71 -3.01
C HIS A 305 -13.56 -0.49 -2.13
N PHE A 306 -12.53 -0.39 -1.29
CA PHE A 306 -12.34 0.81 -0.49
C PHE A 306 -12.23 2.04 -1.38
N SER A 307 -11.41 1.95 -2.41
CA SER A 307 -11.16 3.10 -3.27
C SER A 307 -12.41 3.52 -4.03
N ALA A 308 -13.18 2.53 -4.47
CA ALA A 308 -14.39 2.82 -5.22
C ALA A 308 -15.41 3.60 -4.40
N ALA A 309 -15.38 3.45 -3.09
CA ALA A 309 -16.39 4.03 -2.20
C ALA A 309 -15.98 5.33 -1.53
N THR A 310 -14.73 5.76 -1.71
CA THR A 310 -14.17 6.84 -0.89
C THR A 310 -13.99 8.08 -1.73
N GLN A 311 -14.69 9.16 -1.42
CA GLN A 311 -14.68 10.32 -2.30
C GLN A 311 -13.30 10.90 -2.51
N ASN A 312 -12.52 11.00 -1.43
CA ASN A 312 -11.20 11.61 -1.50
C ASN A 312 -10.06 10.66 -1.89
N PHE A 313 -10.40 9.46 -2.32
CA PHE A 313 -9.41 8.60 -2.97
C PHE A 313 -9.01 9.22 -4.28
N ARG A 314 -7.73 9.15 -4.60
CA ARG A 314 -7.21 9.67 -5.86
C ARG A 314 -6.57 8.63 -6.77
N ILE A 315 -5.66 7.81 -6.26
CA ILE A 315 -4.93 6.87 -7.10
C ILE A 315 -4.39 5.75 -6.24
N LEU A 316 -4.28 4.56 -6.83
CA LEU A 316 -3.90 3.35 -6.09
C LEU A 316 -2.58 2.78 -6.62
N GLU A 317 -1.63 2.58 -5.71
CA GLU A 317 -0.38 1.88 -6.01
C GLU A 317 -0.68 0.46 -6.50
N TYR A 318 0.03 0.04 -7.54
CA TYR A 318 -0.27 -1.25 -8.16
C TYR A 318 0.97 -1.97 -8.69
N ARG A 319 1.06 -3.25 -8.32
CA ARG A 319 2.07 -4.14 -8.86
C ARG A 319 1.39 -5.27 -9.63
N LEU A 320 1.82 -5.53 -10.86
CA LEU A 320 1.30 -6.65 -11.63
C LEU A 320 1.51 -8.02 -10.97
N PRO A 321 0.48 -8.88 -11.03
CA PRO A 321 0.60 -10.24 -10.50
C PRO A 321 1.73 -11.01 -11.17
N LYS A 322 1.84 -10.87 -12.49
CA LYS A 322 2.95 -11.45 -13.20
C LYS A 322 3.82 -10.30 -13.63
N GLY A 323 5.04 -10.27 -13.11
CA GLY A 323 5.93 -9.16 -13.39
C GLY A 323 7.06 -9.04 -12.40
N GLN A 324 7.44 -7.79 -12.16
CA GLN A 324 8.63 -7.45 -11.40
C GLN A 324 8.54 -7.89 -9.94
N ALA A 325 9.59 -8.55 -9.46
CA ALA A 325 9.71 -8.90 -8.04
C ALA A 325 9.98 -7.66 -7.19
N TYR A 326 9.98 -7.79 -5.87
CA TYR A 326 10.10 -6.62 -5.03
C TYR A 326 11.48 -5.98 -5.14
N VAL A 327 11.49 -4.65 -5.23
CA VAL A 327 12.73 -3.90 -5.30
C VAL A 327 12.50 -2.47 -4.81
N TYR A 328 13.55 -1.87 -4.27
CA TYR A 328 13.60 -0.42 -4.12
C TYR A 328 14.94 0.10 -4.57
N GLY A 329 14.91 1.04 -5.51
CA GLY A 329 16.10 1.73 -5.97
C GLY A 329 16.94 0.98 -6.99
N GLY A 330 17.95 1.67 -7.50
CA GLY A 330 18.87 1.08 -8.47
C GLY A 330 18.70 1.69 -9.84
N LYS A 331 19.78 1.80 -10.60
CA LYS A 331 19.72 2.50 -11.87
C LYS A 331 19.42 1.57 -13.04
N ASP A 332 18.50 0.62 -12.81
N ASP A 332 18.46 0.67 -12.84
CA ASP A 332 18.09 -0.35 -13.81
CA ASP A 332 18.02 -0.22 -13.89
C ASP A 332 16.59 -0.64 -13.72
C ASP A 332 16.52 -0.44 -13.83
N ILE A 333 16.02 -1.24 -14.76
CA ILE A 333 14.69 -1.79 -14.69
C ILE A 333 14.90 -3.17 -14.07
N GLU A 334 14.26 -3.43 -12.94
CA GLU A 334 14.51 -4.66 -12.17
C GLU A 334 14.41 -5.92 -13.03
N LYS A 335 15.45 -6.75 -12.98
CA LYS A 335 15.49 -7.96 -13.81
C LYS A 335 14.67 -9.08 -13.20
N ARG A 336 14.65 -9.16 -11.87
CA ARG A 336 13.97 -10.24 -11.18
C ARG A 336 12.47 -10.19 -11.44
N GLN A 337 11.94 -11.30 -11.93
CA GLN A 337 10.52 -11.40 -12.19
C GLN A 337 9.94 -12.52 -11.34
N GLY A 338 8.62 -12.56 -11.28
CA GLY A 338 7.94 -13.63 -10.57
C GLY A 338 6.50 -13.63 -10.99
N GLU A 339 5.75 -14.61 -10.50
CA GLU A 339 4.33 -14.65 -10.72
C GLU A 339 3.63 -14.99 -9.43
N THR A 340 2.66 -14.17 -9.08
CA THR A 340 1.86 -14.36 -7.89
C THR A 340 0.58 -15.07 -8.32
N ARG A 341 0.32 -16.21 -7.69
CA ARG A 341 -0.65 -17.16 -8.22
C ARG A 341 -1.84 -17.43 -7.30
N TYR A 342 -1.88 -16.82 -6.12
CA TYR A 342 -2.92 -17.23 -5.18
C TYR A 342 -4.32 -16.67 -5.51
N VAL A 343 -4.40 -15.74 -6.45
CA VAL A 343 -5.67 -15.31 -6.99
C VAL A 343 -5.79 -15.76 -8.46
N VAL A 344 -6.88 -16.43 -8.81
CA VAL A 344 -7.05 -16.97 -10.17
C VAL A 344 -7.22 -15.86 -11.22
N ASP A 345 -8.03 -14.87 -10.85
CA ASP A 345 -8.54 -13.85 -11.76
C ASP A 345 -8.27 -12.43 -11.23
N PRO A 346 -7.00 -12.09 -11.05
CA PRO A 346 -6.69 -10.80 -10.41
C PRO A 346 -7.17 -9.61 -11.22
N TYR A 347 -7.44 -8.51 -10.52
CA TYR A 347 -7.74 -7.24 -11.17
C TYR A 347 -6.51 -6.77 -11.96
N LEU A 348 -6.70 -6.61 -13.28
CA LEU A 348 -5.69 -6.10 -14.19
C LEU A 348 -6.16 -4.77 -14.74
N PRO A 349 -5.24 -3.82 -14.97
CA PRO A 349 -5.72 -2.52 -15.45
C PRO A 349 -6.14 -2.57 -16.91
N LYS A 350 -7.11 -1.73 -17.24
CA LYS A 350 -7.53 -1.46 -18.60
C LYS A 350 -7.54 0.04 -18.74
N ASP A 351 -6.73 0.54 -19.65
CA ASP A 351 -6.63 1.96 -19.89
C ASP A 351 -6.23 2.73 -18.60
N GLY A 352 -5.45 2.08 -17.74
CA GLY A 352 -4.92 2.74 -16.56
C GLY A 352 -5.80 2.73 -15.32
N TYR A 353 -6.86 1.92 -15.35
CA TYR A 353 -7.80 1.80 -14.24
C TYR A 353 -8.13 0.35 -13.96
N LEU A 354 -8.36 0.04 -12.70
CA LEU A 354 -9.00 -1.23 -12.37
C LEU A 354 -10.51 -1.06 -12.51
N GLU A 355 -11.15 -2.12 -12.98
CA GLU A 355 -12.58 -2.09 -13.29
C GLU A 355 -13.40 -2.88 -12.30
N LEU A 356 -14.51 -2.29 -11.88
CA LEU A 356 -15.42 -2.97 -10.96
C LEU A 356 -16.02 -4.21 -11.60
N ARG A 357 -16.38 -5.17 -10.74
CA ARG A 357 -17.04 -6.40 -11.13
C ARG A 357 -18.40 -6.45 -10.41
N PRO A 358 -19.36 -5.65 -10.89
CA PRO A 358 -20.58 -5.40 -10.11
C PRO A 358 -21.50 -6.58 -9.91
N ASP A 359 -21.33 -7.63 -10.70
CA ASP A 359 -22.18 -8.81 -10.58
C ASP A 359 -21.58 -9.88 -9.70
N ARG A 360 -20.46 -9.59 -9.06
CA ARG A 360 -19.82 -10.56 -8.18
C ARG A 360 -19.89 -10.04 -6.75
N PRO A 361 -20.41 -10.87 -5.84
CA PRO A 361 -20.47 -10.44 -4.44
C PRO A 361 -19.10 -10.52 -3.79
N GLY A 362 -18.91 -9.82 -2.67
CA GLY A 362 -17.63 -9.85 -2.01
C GLY A 362 -16.56 -9.10 -2.79
N TRP A 363 -15.31 -9.55 -2.71
CA TRP A 363 -14.20 -8.88 -3.39
C TRP A 363 -14.28 -9.02 -4.90
N GLY A 364 -14.90 -10.09 -5.38
CA GLY A 364 -14.96 -10.37 -6.81
C GLY A 364 -13.72 -11.03 -7.39
N VAL A 365 -13.03 -11.84 -6.59
CA VAL A 365 -11.92 -12.66 -7.08
C VAL A 365 -12.05 -14.06 -6.52
N GLU A 366 -11.50 -15.03 -7.25
CA GLU A 366 -11.44 -16.42 -6.79
C GLU A 366 -10.04 -16.74 -6.30
N MET A 367 -9.95 -17.38 -5.15
CA MET A 367 -8.67 -17.79 -4.60
C MET A 367 -8.23 -19.13 -5.18
N ASP A 368 -6.93 -19.29 -5.41
CA ASP A 368 -6.39 -20.55 -5.89
C ASP A 368 -5.76 -21.27 -4.71
N GLU A 369 -6.53 -22.12 -4.05
CA GLU A 369 -6.04 -22.78 -2.85
C GLU A 369 -4.96 -23.81 -3.17
N LYS A 370 -5.04 -24.42 -4.35
CA LYS A 370 -3.99 -25.34 -4.75
C LYS A 370 -2.66 -24.59 -4.92
N ALA A 371 -2.71 -23.41 -5.55
CA ALA A 371 -1.51 -22.59 -5.69
C ALA A 371 -0.92 -22.21 -4.33
N MET A 372 -1.78 -21.94 -3.35
CA MET A 372 -1.30 -21.58 -2.02
C MET A 372 -0.60 -22.74 -1.31
N GLU A 373 -1.10 -23.95 -1.52
CA GLU A 373 -0.45 -25.14 -0.98
C GLU A 373 0.88 -25.42 -1.68
N GLU A 374 0.96 -25.07 -2.96
CA GLU A 374 2.16 -25.34 -3.77
C GLU A 374 3.35 -24.46 -3.41
N GLU A 375 3.10 -23.20 -3.06
CA GLU A 375 4.19 -22.28 -2.76
C GLU A 375 4.07 -21.74 -1.34
N GLY A 376 5.02 -22.10 -0.49
CA GLY A 376 5.00 -21.72 0.91
C GLY A 376 5.92 -20.56 1.26
N TYR A 377 6.26 -20.49 2.54
CA TYR A 377 7.09 -19.42 3.09
C TYR A 377 8.38 -19.26 2.31
N ILE A 378 8.81 -18.01 2.21
CA ILE A 378 10.13 -17.66 1.76
C ILE A 378 10.63 -16.54 2.68
N HIS A 379 11.89 -16.63 3.12
CA HIS A 379 12.47 -15.60 3.98
C HIS A 379 12.71 -14.31 3.19
N TRP A 380 12.31 -13.19 3.76
CA TRP A 380 12.55 -11.89 3.16
C TRP A 380 12.94 -10.91 4.25
N GLN A 381 13.93 -10.05 3.95
CA GLN A 381 14.32 -8.99 4.87
C GLN A 381 14.70 -7.75 4.11
N ARG A 382 14.61 -6.62 4.81
CA ARG A 382 14.99 -5.33 4.26
C ARG A 382 16.48 -5.16 4.27
N ARG A 383 16.95 -4.28 3.40
CA ARG A 383 18.34 -3.85 3.42
C ARG A 383 18.48 -2.52 4.17
N VAL A 384 19.21 -2.55 5.28
CA VAL A 384 19.50 -1.32 6.02
C VAL A 384 20.88 -0.85 5.58
N PRO A 385 20.93 0.27 4.85
CA PRO A 385 22.21 0.73 4.32
C PRO A 385 23.14 1.23 5.43
N LYS A 386 24.43 1.18 5.14
CA LYS A 386 25.44 1.75 6.03
C LYS A 386 26.02 3.02 5.43
N ARG A 387 26.49 3.88 6.32
CA ARG A 387 27.28 5.04 5.94
C ARG A 387 28.74 4.61 5.86
N PRO A 388 29.59 5.43 5.22
CA PRO A 388 31.00 5.05 5.10
C PRO A 388 31.71 4.89 6.44
N ASP A 389 31.19 5.49 7.52
CA ASP A 389 31.80 5.34 8.84
C ASP A 389 31.40 4.04 9.55
N GLY A 390 30.57 3.21 8.91
CA GLY A 390 30.16 1.95 9.49
C GLY A 390 28.84 1.97 10.24
N SER A 391 28.26 3.15 10.45
CA SER A 391 26.95 3.24 11.10
C SER A 391 25.82 2.78 10.18
N TYR A 392 24.74 2.31 10.78
CA TYR A 392 23.52 1.99 10.05
C TYR A 392 22.64 3.22 9.91
N ALA A 393 22.08 3.38 8.72
CA ALA A 393 21.11 4.45 8.44
C ALA A 393 19.70 3.84 8.43
N PHE A 394 18.95 3.98 7.33
CA PHE A 394 17.52 3.71 7.34
C PHE A 394 17.09 2.92 6.11
N ALA A 395 16.23 1.93 6.31
CA ALA A 395 15.81 1.06 5.20
C ALA A 395 14.80 1.78 4.31
NA NA B . 6.64 3.67 -0.19
C1 LMR C . 8.40 -2.41 3.02
O1A LMR C . 9.54 -2.19 3.51
O1B LMR C . 7.61 -3.24 3.58
C2 LMR C . 8.17 -1.83 1.68
O2 LMR C . 7.21 -2.53 0.98
C3 LMR C . 7.73 -0.45 1.98
C4 LMR C . 7.58 0.36 0.72
O4A LMR C . 6.99 1.46 0.78
O4B LMR C . 8.05 0.00 -0.38
H2 LMR C . 9.00 -1.82 1.18
HO2 LMR C . 7.40 -2.50 0.12
H3 LMR C . 8.38 -0.03 2.55
H3A LMR C . 6.87 -0.48 2.43
P PO4 D . 13.15 -17.08 9.38
O1 PO4 D . 12.75 -16.20 8.24
O2 PO4 D . 12.29 -18.33 9.39
O3 PO4 D . 14.62 -17.40 9.29
O4 PO4 D . 12.96 -16.34 10.70
C1 EDO E . 20.23 13.16 3.97
O1 EDO E . 19.72 12.72 5.25
C2 EDO E . 21.47 12.35 3.65
O2 EDO E . 22.49 12.71 4.59
H11 EDO E . 19.47 13.00 3.20
H12 EDO E . 20.47 14.22 4.01
HO1 EDO E . 18.93 13.23 5.47
H21 EDO E . 21.25 11.28 3.72
H22 EDO E . 21.81 12.57 2.63
HO2 EDO E . 23.30 12.20 4.40
C1 EDO F . 22.00 16.75 4.52
O1 EDO F . 23.07 15.84 4.77
C2 EDO F . 21.67 17.57 5.77
O2 EDO F . 22.86 18.07 6.40
H11 EDO F . 22.27 17.43 3.70
H12 EDO F . 21.10 16.21 4.21
HO1 EDO F . 23.25 15.33 3.96
H21 EDO F . 21.04 18.42 5.50
H22 EDO F . 21.13 16.95 6.47
HO2 EDO F . 22.62 18.58 7.19
C1 EDO G . 4.12 -2.92 -12.17
O1 EDO G . 4.38 -4.20 -11.56
C2 EDO G . 5.42 -2.20 -12.56
O2 EDO G . 6.09 -3.00 -13.56
H11 EDO G . 3.51 -3.05 -13.06
H12 EDO G . 3.56 -2.29 -11.47
HO1 EDO G . 3.55 -4.62 -11.34
H21 EDO G . 6.06 -2.09 -11.68
H22 EDO G . 5.21 -1.21 -12.95
HO2 EDO G . 6.92 -2.56 -13.82
CL CL H . -9.17 -7.60 -14.52
CL CL I . 1.88 -6.24 17.54
CL CL J . 26.91 5.95 -5.50
CL CL K . -1.24 16.44 -19.83
CL CL L . -2.39 6.41 -22.93
#